data_2WX9
#
_entry.id   2WX9
#
_cell.length_a   47.730
_cell.length_b   74.490
_cell.length_c   87.480
_cell.angle_alpha   90.00
_cell.angle_beta   90.00
_cell.angle_gamma   90.00
#
_symmetry.space_group_name_H-M   'P 21 21 21'
#
loop_
_entity.id
_entity.type
_entity.pdbx_description
1 polymer 'SIALIC ACID-BINDING PERIPLASMIC PROTEIN SIAP'
2 non-polymer 'N-glycolyl-beta-neuraminic acid'
3 water water
#
_entity_poly.entity_id   1
_entity_poly.type   'polypeptide(L)'
_entity_poly.pdbx_seq_one_letter_code
;ADYDLKFGMNNGTSSNEYKAAEMFAKEVKEKSQGKIEISLYPSSQLGDDRAMLKQLKDGSLDFTFAESARFQLFYPEAAV
FALPYVISNYNVAQKALFDTEFGKDLIKKMDKDLGVTLLSQAYNGTRQTTSNRAINSIADMKGLKLRVPNAATNLAYAKY
VGASPTPMAFSEVYLALQTNAVDGQENPLAAVQAQKFYEVQKFLAMTNHILNDQLYLVSNETYKELPEDLQKVVKDAAEN
AAKYHTKLFVDGEKDLVTFFEKQGVKITHPDLVPFKESMKPYYAEFVKQTGQKGESALKQIEAINPHHHHHH
;
_entity_poly.pdbx_strand_id   A
#
loop_
_chem_comp.id
_chem_comp.type
_chem_comp.name
_chem_comp.formula
NGE D-saccharide, beta linking 'N-glycolyl-beta-neuraminic acid' 'C11 H19 N O10'
#
# COMPACT_ATOMS: atom_id res chain seq x y z
N ALA A 1 14.46 16.92 21.64
CA ALA A 1 13.92 15.88 22.57
C ALA A 1 15.03 14.90 22.80
N ASP A 2 14.85 14.04 23.79
CA ASP A 2 15.83 12.99 24.08
C ASP A 2 15.99 12.06 22.86
N TYR A 3 14.87 11.76 22.20
CA TYR A 3 14.87 10.95 20.99
C TYR A 3 14.18 11.77 19.89
N ASP A 4 14.97 12.34 19.00
CA ASP A 4 14.50 13.16 17.86
C ASP A 4 14.37 12.19 16.71
N LEU A 5 13.16 11.61 16.55
CA LEU A 5 12.98 10.51 15.56
C LEU A 5 12.26 11.06 14.32
N LYS A 6 12.36 10.31 13.22
CA LYS A 6 11.89 10.72 11.89
C LYS A 6 11.07 9.60 11.27
N PHE A 7 9.96 10.05 10.68
CA PHE A 7 9.05 9.14 9.99
C PHE A 7 8.97 9.59 8.52
N GLY A 8 9.52 8.78 7.63
CA GLY A 8 9.55 9.10 6.22
C GLY A 8 8.32 8.53 5.53
N MET A 9 7.78 9.30 4.58
CA MET A 9 6.59 8.90 3.85
C MET A 9 6.66 9.23 2.37
N ASN A 10 6.15 8.30 1.57
CA ASN A 10 5.97 8.47 0.12
C ASN A 10 4.72 9.33 -0.15
N ASN A 11 3.66 9.11 0.61
CA ASN A 11 2.46 9.90 0.55
C ASN A 11 2.73 11.35 0.83
N GLY A 12 1.81 12.19 0.37
CA GLY A 12 1.83 13.59 0.67
C GLY A 12 1.06 13.96 1.93
N THR A 13 0.93 15.27 2.15
CA THR A 13 0.39 15.83 3.35
C THR A 13 -1.14 15.84 3.40
N SER A 14 -1.81 15.60 2.28
CA SER A 14 -3.26 15.59 2.25
CA SER A 14 -3.27 15.60 2.26
C SER A 14 -3.82 14.20 2.26
N SER A 15 -3.06 13.25 2.73
CA SER A 15 -3.48 11.86 2.68
C SER A 15 -3.88 11.26 4.03
N ASN A 16 -4.59 10.11 3.97
CA ASN A 16 -4.90 9.36 5.18
C ASN A 16 -3.67 8.90 5.93
N GLU A 17 -2.67 8.44 5.18
CA GLU A 17 -1.43 7.97 5.76
C GLU A 17 -0.83 9.09 6.63
N TYR A 18 -0.82 10.33 6.09
CA TYR A 18 -0.23 11.42 6.82
C TYR A 18 -1.02 11.72 8.10
N LYS A 19 -2.33 11.75 8.01
CA LYS A 19 -3.17 12.01 9.14
C LYS A 19 -2.91 10.97 10.24
N ALA A 20 -2.81 9.70 9.86
CA ALA A 20 -2.58 8.64 10.83
C ALA A 20 -1.16 8.77 11.42
N ALA A 21 -0.17 9.12 10.59
CA ALA A 21 1.20 9.37 11.09
C ALA A 21 1.22 10.55 12.10
N GLU A 22 0.41 11.59 11.86
CA GLU A 22 0.27 12.70 12.78
C GLU A 22 -0.32 12.25 14.10
N MET A 23 -1.31 11.39 14.05
N MET A 23 -1.32 11.38 14.06
CA MET A 23 -1.90 10.85 15.26
CA MET A 23 -1.90 10.87 15.28
C MET A 23 -0.84 10.09 16.07
C MET A 23 -0.87 10.05 16.08
N PHE A 24 -0.13 9.20 15.37
CA PHE A 24 0.94 8.39 15.96
C PHE A 24 1.97 9.31 16.65
N ALA A 25 2.47 10.31 15.94
CA ALA A 25 3.46 11.24 16.49
C ALA A 25 2.95 11.95 17.71
N LYS A 26 1.69 12.39 17.69
CA LYS A 26 1.13 13.15 18.83
C LYS A 26 1.02 12.25 20.03
N GLU A 27 0.56 11.02 19.83
CA GLU A 27 0.39 10.09 20.95
C GLU A 27 1.75 9.74 21.55
N VAL A 28 2.72 9.47 20.70
CA VAL A 28 4.06 9.11 21.18
C VAL A 28 4.65 10.26 22.01
N LYS A 29 4.53 11.49 21.50
CA LYS A 29 5.05 12.65 22.26
C LYS A 29 4.36 12.79 23.63
N GLU A 30 3.05 12.62 23.65
N GLU A 30 3.04 12.64 23.65
CA GLU A 30 2.31 12.79 24.88
CA GLU A 30 2.28 12.80 24.88
C GLU A 30 2.63 11.69 25.89
C GLU A 30 2.62 11.69 25.87
N LYS A 31 2.53 10.44 25.44
CA LYS A 31 2.65 9.31 26.34
C LYS A 31 4.06 8.99 26.76
N SER A 32 5.03 9.50 26.01
CA SER A 32 6.44 9.46 26.40
C SER A 32 6.83 10.64 27.28
N GLN A 33 5.87 11.48 27.65
CA GLN A 33 6.18 12.67 28.45
C GLN A 33 7.20 13.55 27.77
N GLY A 34 7.10 13.67 26.47
CA GLY A 34 8.01 14.50 25.69
C GLY A 34 9.40 13.93 25.42
N LYS A 35 9.67 12.72 25.88
CA LYS A 35 10.99 12.16 25.65
C LYS A 35 11.23 11.84 24.17
N ILE A 36 10.18 11.48 23.43
CA ILE A 36 10.26 11.17 22.02
C ILE A 36 9.45 12.20 21.23
N GLU A 37 10.06 12.75 20.19
N GLU A 37 10.05 12.76 20.19
CA GLU A 37 9.34 13.56 19.19
CA GLU A 37 9.32 13.61 19.23
C GLU A 37 9.56 12.94 17.84
C GLU A 37 9.56 12.99 17.85
N ILE A 38 8.47 12.73 17.11
CA ILE A 38 8.56 12.14 15.78
C ILE A 38 8.23 13.21 14.74
N SER A 39 9.22 13.65 13.98
CA SER A 39 9.05 14.58 12.87
CA SER A 39 8.97 14.59 12.88
C SER A 39 8.68 13.81 11.61
N LEU A 40 7.92 14.44 10.71
CA LEU A 40 7.39 13.80 9.53
C LEU A 40 8.04 14.32 8.25
N TYR A 41 8.38 13.42 7.34
CA TYR A 41 9.09 13.74 6.11
C TYR A 41 8.33 13.13 4.94
N PRO A 42 7.23 13.77 4.52
CA PRO A 42 6.37 13.23 3.48
C PRO A 42 6.88 13.54 2.05
N SER A 43 6.08 13.11 1.08
CA SER A 43 6.22 13.51 -0.34
C SER A 43 7.51 12.98 -0.92
N SER A 44 7.96 11.84 -0.40
CA SER A 44 9.19 11.16 -0.87
CA SER A 44 9.16 11.17 -0.94
C SER A 44 10.44 12.03 -0.86
N GLN A 45 10.48 12.97 0.06
CA GLN A 45 11.64 13.81 0.15
C GLN A 45 12.92 13.01 0.50
N LEU A 46 12.77 11.87 1.19
CA LEU A 46 13.87 10.96 1.51
C LEU A 46 14.05 9.84 0.50
N GLY A 47 13.27 9.86 -0.58
CA GLY A 47 13.25 8.74 -1.52
C GLY A 47 11.91 8.02 -1.47
N ASP A 48 11.78 6.94 -2.23
CA ASP A 48 10.56 6.17 -2.26
C ASP A 48 10.57 5.14 -1.15
N ASP A 49 9.56 4.29 -1.13
CA ASP A 49 9.46 3.28 -0.08
C ASP A 49 10.65 2.32 -0.07
N ARG A 50 11.14 1.92 -1.25
CA ARG A 50 12.28 1.02 -1.31
C ARG A 50 13.49 1.71 -0.62
N ALA A 51 13.69 2.98 -0.94
CA ALA A 51 14.76 3.72 -0.37
C ALA A 51 14.61 3.86 1.15
N MET A 52 13.40 4.20 1.58
CA MET A 52 13.20 4.41 2.98
C MET A 52 13.31 3.10 3.80
N LEU A 53 12.93 1.96 3.21
CA LEU A 53 13.15 0.69 3.88
C LEU A 53 14.68 0.45 4.09
N LYS A 54 15.50 0.82 3.11
CA LYS A 54 16.96 0.71 3.25
C LYS A 54 17.43 1.61 4.37
N GLN A 55 16.86 2.80 4.53
CA GLN A 55 17.24 3.73 5.61
C GLN A 55 16.84 3.19 6.97
N LEU A 56 15.72 2.49 7.08
CA LEU A 56 15.43 1.83 8.36
C LEU A 56 16.42 0.72 8.62
N LYS A 57 16.79 -0.01 7.60
CA LYS A 57 17.75 -1.08 7.79
C LYS A 57 19.07 -0.55 8.35
N ASP A 58 19.58 0.52 7.77
N ASP A 58 19.53 0.53 7.76
CA ASP A 58 20.87 1.05 8.20
CA ASP A 58 20.80 1.18 8.08
C ASP A 58 20.77 2.02 9.38
C ASP A 58 20.75 1.99 9.37
N GLY A 59 19.55 2.24 9.87
CA GLY A 59 19.32 3.04 11.07
C GLY A 59 19.28 4.55 10.94
N SER A 60 19.29 5.06 9.70
CA SER A 60 19.28 6.47 9.44
C SER A 60 17.87 7.09 9.36
N LEU A 61 16.84 6.24 9.31
CA LEU A 61 15.47 6.69 9.37
C LEU A 61 14.80 5.78 10.39
N ASP A 62 13.91 6.34 11.21
CA ASP A 62 13.34 5.58 12.32
C ASP A 62 12.06 4.84 11.98
N PHE A 63 11.14 5.47 11.23
CA PHE A 63 9.85 4.87 10.90
C PHE A 63 9.57 5.09 9.44
N THR A 64 8.85 4.13 8.85
CA THR A 64 8.24 4.35 7.55
C THR A 64 7.07 3.39 7.38
N PHE A 65 6.37 3.54 6.27
CA PHE A 65 5.30 2.62 5.86
C PHE A 65 5.78 1.65 4.80
N ALA A 66 5.21 0.45 4.77
CA ALA A 66 5.35 -0.44 3.61
C ALA A 66 4.19 -1.39 3.59
N GLU A 67 3.88 -1.95 2.42
CA GLU A 67 2.89 -2.99 2.24
C GLU A 67 3.53 -4.32 2.48
N SER A 68 2.74 -5.29 2.90
CA SER A 68 3.23 -6.65 2.97
C SER A 68 3.75 -7.10 1.61
N ALA A 69 3.06 -6.75 0.52
CA ALA A 69 3.44 -7.15 -0.81
C ALA A 69 4.82 -6.59 -1.24
N ARG A 70 5.25 -5.46 -0.68
CA ARG A 70 6.48 -4.87 -1.11
C ARG A 70 7.66 -5.76 -0.76
N PHE A 71 7.48 -6.66 0.22
CA PHE A 71 8.54 -7.58 0.58
C PHE A 71 8.79 -8.65 -0.46
N GLN A 72 8.02 -8.66 -1.54
CA GLN A 72 8.33 -9.53 -2.70
C GLN A 72 9.70 -9.17 -3.28
N LEU A 73 10.22 -7.97 -2.98
CA LEU A 73 11.57 -7.60 -3.42
C LEU A 73 12.61 -8.48 -2.83
N PHE A 74 12.31 -9.07 -1.70
CA PHE A 74 13.26 -9.91 -0.96
C PHE A 74 12.90 -11.35 -0.91
N TYR A 75 11.61 -11.64 -0.90
CA TYR A 75 11.07 -12.98 -0.74
C TYR A 75 10.02 -13.10 -1.85
N PRO A 76 10.35 -13.72 -2.98
CA PRO A 76 9.45 -13.63 -4.14
C PRO A 76 8.02 -14.11 -3.88
N GLU A 77 7.89 -15.11 -3.02
CA GLU A 77 6.58 -15.64 -2.69
C GLU A 77 5.64 -14.60 -2.03
N ALA A 78 6.19 -13.55 -1.45
CA ALA A 78 5.39 -12.51 -0.80
C ALA A 78 4.61 -11.68 -1.86
N ALA A 79 4.87 -11.89 -3.16
CA ALA A 79 4.03 -11.31 -4.19
C ALA A 79 2.58 -11.79 -4.05
N VAL A 80 2.33 -12.89 -3.35
CA VAL A 80 0.99 -13.37 -3.14
C VAL A 80 0.06 -12.26 -2.63
N PHE A 81 0.57 -11.35 -1.84
CA PHE A 81 -0.27 -10.30 -1.25
C PHE A 81 -0.83 -9.34 -2.31
N ALA A 82 -0.22 -9.27 -3.49
CA ALA A 82 -0.65 -8.35 -4.55
C ALA A 82 -0.86 -9.05 -5.90
N LEU A 83 -0.91 -10.37 -5.95
CA LEU A 83 -1.42 -11.02 -7.16
C LEU A 83 -2.87 -10.59 -7.36
N PRO A 84 -3.18 -9.95 -8.50
CA PRO A 84 -4.53 -9.37 -8.56
C PRO A 84 -5.63 -10.37 -8.33
N TYR A 85 -6.58 -9.99 -7.50
CA TYR A 85 -7.78 -10.76 -7.19
C TYR A 85 -7.55 -11.96 -6.29
N VAL A 86 -6.35 -12.20 -5.78
CA VAL A 86 -6.11 -13.32 -4.87
C VAL A 86 -6.59 -13.03 -3.44
N ILE A 87 -6.08 -11.97 -2.82
CA ILE A 87 -6.57 -11.54 -1.52
C ILE A 87 -7.92 -10.87 -1.72
N SER A 88 -8.97 -11.40 -1.08
CA SER A 88 -10.34 -10.96 -1.33
C SER A 88 -10.62 -9.62 -0.69
N ASN A 89 -10.14 -9.42 0.53
CA ASN A 89 -10.57 -8.29 1.34
C ASN A 89 -9.55 -8.04 2.44
N TYR A 90 -9.74 -6.97 3.21
CA TYR A 90 -8.81 -6.65 4.30
C TYR A 90 -8.84 -7.74 5.38
N ASN A 91 -10.01 -8.32 5.63
CA ASN A 91 -10.06 -9.40 6.60
C ASN A 91 -9.02 -10.50 6.24
N VAL A 92 -8.97 -10.88 4.98
CA VAL A 92 -8.01 -11.87 4.51
C VAL A 92 -6.58 -11.32 4.61
N ALA A 93 -6.35 -10.07 4.24
CA ALA A 93 -5.01 -9.48 4.42
C ALA A 93 -4.47 -9.58 5.84
N GLN A 94 -5.33 -9.33 6.81
CA GLN A 94 -4.91 -9.39 8.21
C GLN A 94 -4.53 -10.82 8.63
N LYS A 95 -5.38 -11.78 8.27
CA LYS A 95 -5.14 -13.16 8.66
C LYS A 95 -3.97 -13.72 7.88
N ALA A 96 -3.79 -13.30 6.63
CA ALA A 96 -2.66 -13.76 5.81
C ALA A 96 -1.34 -13.39 6.46
N LEU A 97 -1.26 -12.17 6.99
CA LEU A 97 -0.02 -11.71 7.61
C LEU A 97 0.23 -12.31 8.99
N PHE A 98 -0.79 -12.29 9.85
CA PHE A 98 -0.61 -12.65 11.24
C PHE A 98 -0.95 -14.08 11.58
N ASP A 99 -1.77 -14.73 10.77
CA ASP A 99 -2.41 -16.04 11.14
C ASP A 99 -2.13 -17.17 10.16
N THR A 100 -1.10 -17.03 9.37
CA THR A 100 -0.61 -18.11 8.56
C THR A 100 0.86 -18.36 8.93
N GLU A 101 1.33 -19.59 8.67
CA GLU A 101 2.76 -19.86 8.88
C GLU A 101 3.62 -18.97 7.95
N PHE A 102 3.16 -18.82 6.71
CA PHE A 102 3.82 -17.96 5.77
C PHE A 102 3.99 -16.53 6.31
N GLY A 103 2.90 -15.95 6.76
CA GLY A 103 2.96 -14.56 7.23
C GLY A 103 3.81 -14.41 8.48
N LYS A 104 3.66 -15.35 9.48
CA LYS A 104 4.44 -15.31 10.75
C LYS A 104 5.95 -15.40 10.45
N ASP A 105 6.29 -16.19 9.42
CA ASP A 105 7.67 -16.34 9.03
C ASP A 105 8.17 -15.07 8.33
N LEU A 106 7.34 -14.46 7.49
CA LEU A 106 7.68 -13.22 6.83
C LEU A 106 8.02 -12.15 7.88
N ILE A 107 7.20 -12.00 8.90
CA ILE A 107 7.45 -10.99 9.93
C ILE A 107 8.80 -11.27 10.60
N LYS A 108 9.06 -12.53 10.92
CA LYS A 108 10.37 -12.85 11.53
C LYS A 108 11.54 -12.51 10.59
N LYS A 109 11.39 -12.75 9.30
CA LYS A 109 12.46 -12.45 8.32
C LYS A 109 12.68 -10.95 8.19
N MET A 110 11.60 -10.16 8.20
CA MET A 110 11.74 -8.71 8.13
C MET A 110 12.63 -8.20 9.26
N ASP A 111 12.45 -8.77 10.46
CA ASP A 111 13.26 -8.44 11.63
C ASP A 111 14.70 -8.93 11.40
N LYS A 112 14.89 -10.22 11.14
CA LYS A 112 16.26 -10.83 11.06
C LYS A 112 17.06 -10.33 9.90
N ASP A 113 16.44 -10.22 8.76
CA ASP A 113 17.18 -9.95 7.53
C ASP A 113 17.18 -8.50 7.16
N LEU A 114 16.08 -7.79 7.46
CA LEU A 114 15.83 -6.46 6.91
C LEU A 114 15.87 -5.34 7.95
N GLY A 115 16.13 -5.70 9.21
CA GLY A 115 16.34 -4.71 10.25
C GLY A 115 15.14 -3.88 10.63
N VAL A 116 13.93 -4.46 10.46
CA VAL A 116 12.71 -3.72 10.76
C VAL A 116 11.77 -4.54 11.65
N THR A 117 11.14 -3.84 12.59
CA THR A 117 10.13 -4.38 13.49
C THR A 117 8.76 -3.91 13.01
N LEU A 118 7.86 -4.87 12.86
CA LEU A 118 6.49 -4.60 12.48
C LEU A 118 5.67 -4.18 13.68
N LEU A 119 5.22 -2.95 13.76
CA LEU A 119 4.45 -2.48 14.91
C LEU A 119 2.96 -2.71 14.75
N SER A 120 2.41 -2.47 13.57
CA SER A 120 0.97 -2.62 13.35
C SER A 120 0.70 -2.71 11.85
N GLN A 121 -0.51 -3.16 11.51
CA GLN A 121 -1.02 -3.24 10.15
C GLN A 121 -2.35 -2.51 10.03
N ALA A 122 -2.48 -1.67 9.00
CA ALA A 122 -3.71 -0.99 8.64
C ALA A 122 -4.15 -1.36 7.24
N TYR A 123 -5.38 -0.97 6.89
CA TYR A 123 -5.89 -1.05 5.53
C TYR A 123 -5.53 0.23 4.80
N ASN A 124 -5.07 0.12 3.56
CA ASN A 124 -4.69 1.29 2.73
C ASN A 124 -5.48 1.41 1.45
N GLY A 125 -6.63 0.72 1.42
CA GLY A 125 -7.54 0.80 0.29
C GLY A 125 -7.37 -0.27 -0.76
N THR A 126 -8.43 -0.38 -1.59
CA THR A 126 -8.44 -1.25 -2.76
C THR A 126 -8.19 -0.44 -4.02
N ARG A 127 -7.23 -0.88 -4.84
CA ARG A 127 -6.85 -0.12 -6.00
C ARG A 127 -7.93 -0.23 -7.09
N GLN A 128 -8.11 0.93 -7.74
CA GLN A 128 -9.02 1.12 -8.83
C GLN A 128 -8.23 1.75 -9.99
N THR A 129 -8.85 1.91 -11.17
CA THR A 129 -8.11 2.38 -12.37
C THR A 129 -8.71 3.67 -12.88
N THR A 130 -7.95 4.76 -12.90
CA THR A 130 -8.38 5.98 -13.54
C THR A 130 -7.80 6.07 -14.95
N SER A 131 -8.47 6.85 -15.79
CA SER A 131 -7.96 7.04 -17.14
C SER A 131 -8.56 8.25 -17.82
N ASN A 132 -8.00 8.56 -19.01
CA ASN A 132 -8.46 9.71 -19.83
C ASN A 132 -9.51 9.35 -20.85
N ARG A 133 -9.91 8.07 -20.85
N ARG A 133 -9.92 8.08 -20.87
CA ARG A 133 -11.05 7.57 -21.63
CA ARG A 133 -11.10 7.31 -21.67
C ARG A 133 -11.77 6.46 -20.82
C ARG A 133 -11.77 6.43 -20.82
N ALA A 134 -13.05 6.24 -21.08
CA ALA A 134 -13.86 5.26 -20.34
C ALA A 134 -13.37 3.85 -20.41
N ILE A 135 -13.37 3.16 -19.28
CA ILE A 135 -13.11 1.71 -19.24
C ILE A 135 -14.46 1.05 -18.94
N ASN A 136 -15.14 0.68 -20.03
CA ASN A 136 -16.46 0.03 -19.91
C ASN A 136 -16.36 -1.48 -19.85
N SER A 137 -15.23 -2.01 -20.31
CA SER A 137 -14.96 -3.42 -20.28
C SER A 137 -13.47 -3.65 -20.40
N ILE A 138 -13.07 -4.93 -20.27
CA ILE A 138 -11.65 -5.25 -20.43
C ILE A 138 -11.07 -4.84 -21.80
N ALA A 139 -11.93 -4.78 -22.83
CA ALA A 139 -11.45 -4.33 -24.14
C ALA A 139 -10.82 -2.95 -24.13
N ASP A 140 -11.34 -2.07 -23.27
CA ASP A 140 -10.83 -0.71 -23.20
C ASP A 140 -9.43 -0.62 -22.57
N MET A 141 -9.00 -1.69 -21.91
CA MET A 141 -7.64 -1.74 -21.39
C MET A 141 -6.59 -1.93 -22.48
N LYS A 142 -7.00 -2.43 -23.65
CA LYS A 142 -6.04 -2.88 -24.65
C LYS A 142 -5.30 -1.69 -25.13
N GLY A 143 -3.97 -1.74 -24.95
CA GLY A 143 -3.13 -0.64 -25.33
C GLY A 143 -3.21 0.62 -24.48
N LEU A 144 -3.99 0.62 -23.41
CA LEU A 144 -4.05 1.78 -22.53
C LEU A 144 -2.66 2.01 -21.94
N LYS A 145 -2.15 3.23 -22.01
CA LYS A 145 -0.84 3.52 -21.44
C LYS A 145 -1.03 3.74 -19.96
N LEU A 146 -0.81 2.67 -19.21
CA LEU A 146 -1.15 2.63 -17.79
C LEU A 146 0.09 2.77 -16.95
N ARG A 147 0.20 3.90 -16.27
CA ARG A 147 1.28 4.04 -15.32
C ARG A 147 1.09 3.02 -14.20
N VAL A 148 2.23 2.44 -13.76
CA VAL A 148 2.29 1.60 -12.61
C VAL A 148 3.45 2.04 -11.74
N PRO A 149 3.39 1.71 -10.42
CA PRO A 149 4.60 1.83 -9.58
C PRO A 149 5.66 0.86 -10.08
N ASN A 150 6.87 1.03 -9.57
CA ASN A 150 7.97 0.11 -9.87
C ASN A 150 7.81 -1.17 -9.04
N ALA A 151 6.81 -2.00 -9.36
CA ALA A 151 6.48 -3.19 -8.59
C ALA A 151 5.99 -4.22 -9.60
N ALA A 152 6.48 -5.44 -9.46
CA ALA A 152 6.23 -6.50 -10.42
C ALA A 152 4.77 -6.90 -10.51
N THR A 153 4.07 -6.92 -9.38
CA THR A 153 2.66 -7.25 -9.36
C THR A 153 1.78 -6.21 -10.07
N ASN A 154 2.08 -4.92 -9.93
CA ASN A 154 1.32 -3.93 -10.68
C ASN A 154 1.64 -3.96 -12.16
N LEU A 155 2.92 -4.17 -12.50
N LEU A 155 2.93 -4.17 -12.48
CA LEU A 155 3.32 -4.35 -13.90
CA LEU A 155 3.30 -4.33 -13.87
C LEU A 155 2.55 -5.51 -14.53
C LEU A 155 2.53 -5.50 -14.50
N ALA A 156 2.43 -6.62 -13.80
CA ALA A 156 1.71 -7.79 -14.29
C ALA A 156 0.22 -7.52 -14.41
N TYR A 157 -0.38 -6.82 -13.45
CA TYR A 157 -1.78 -6.44 -13.63
C TYR A 157 -1.96 -5.76 -15.01
N ALA A 158 -1.13 -4.75 -15.30
CA ALA A 158 -1.24 -4.02 -16.55
C ALA A 158 -1.04 -4.98 -17.74
N LYS A 159 0.02 -5.76 -17.70
CA LYS A 159 0.32 -6.69 -18.79
C LYS A 159 -0.80 -7.67 -19.11
N TYR A 160 -1.28 -8.32 -18.07
CA TYR A 160 -2.23 -9.38 -18.29
C TYR A 160 -3.63 -8.93 -18.69
N VAL A 161 -4.02 -7.71 -18.31
CA VAL A 161 -5.30 -7.20 -18.77
C VAL A 161 -5.19 -6.60 -20.16
N GLY A 162 -3.98 -6.54 -20.74
CA GLY A 162 -3.80 -6.02 -22.08
C GLY A 162 -3.28 -4.60 -22.24
N ALA A 163 -2.98 -3.94 -21.11
CA ALA A 163 -2.50 -2.57 -21.13
C ALA A 163 -1.00 -2.50 -21.40
N SER A 164 -0.51 -1.29 -21.62
CA SER A 164 0.90 -1.04 -21.91
C SER A 164 1.44 -0.29 -20.73
N PRO A 165 2.19 -0.97 -19.84
CA PRO A 165 2.55 -0.27 -18.62
C PRO A 165 3.75 0.70 -18.78
N THR A 166 3.75 1.77 -17.99
CA THR A 166 4.92 2.63 -17.83
C THR A 166 5.18 2.74 -16.35
N PRO A 167 6.27 2.15 -15.87
CA PRO A 167 6.58 2.32 -14.44
C PRO A 167 7.18 3.68 -14.12
N MET A 168 6.79 4.28 -13.00
CA MET A 168 7.40 5.49 -12.47
C MET A 168 6.99 5.66 -11.02
N ALA A 169 7.79 6.44 -10.31
CA ALA A 169 7.56 6.74 -8.90
C ALA A 169 6.27 7.52 -8.71
N PHE A 170 5.68 7.38 -7.54
CA PHE A 170 4.44 8.07 -7.20
C PHE A 170 4.52 9.54 -7.43
N SER A 171 5.67 10.18 -7.12
CA SER A 171 5.77 11.61 -7.25
C SER A 171 5.62 12.13 -8.68
N GLU A 172 5.86 11.27 -9.65
CA GLU A 172 5.90 11.67 -11.06
C GLU A 172 4.57 11.50 -11.76
N VAL A 173 3.62 10.89 -11.08
CA VAL A 173 2.38 10.48 -11.73
C VAL A 173 1.52 11.63 -12.18
N TYR A 174 1.35 12.65 -11.33
CA TYR A 174 0.43 13.71 -11.67
C TYR A 174 0.84 14.36 -12.99
N LEU A 175 2.12 14.65 -13.17
CA LEU A 175 2.58 15.32 -14.38
C LEU A 175 2.40 14.40 -15.59
N ALA A 176 2.68 13.11 -15.43
CA ALA A 176 2.47 12.17 -16.51
C ALA A 176 1.01 12.15 -16.99
N LEU A 177 0.07 12.21 -16.07
CA LEU A 177 -1.33 12.24 -16.39
C LEU A 177 -1.71 13.54 -17.02
N GLN A 178 -1.27 14.64 -16.43
CA GLN A 178 -1.62 15.97 -16.87
C GLN A 178 -1.25 16.21 -18.32
N THR A 179 -0.06 15.75 -18.66
CA THR A 179 0.55 15.91 -19.97
C THR A 179 0.13 14.83 -20.97
N ASN A 180 -0.67 13.85 -20.52
CA ASN A 180 -1.09 12.70 -21.33
C ASN A 180 0.09 11.95 -21.88
N ALA A 181 1.19 11.97 -21.15
CA ALA A 181 2.30 11.06 -21.44
C ALA A 181 1.83 9.62 -21.25
N VAL A 182 0.95 9.42 -20.28
CA VAL A 182 0.26 8.17 -20.05
C VAL A 182 -1.22 8.48 -20.03
N ASP A 183 -2.01 7.43 -20.18
CA ASP A 183 -3.48 7.52 -20.22
C ASP A 183 -4.17 7.30 -18.88
N GLY A 184 -3.50 6.70 -17.91
CA GLY A 184 -4.15 6.34 -16.69
C GLY A 184 -3.19 5.87 -15.65
N GLN A 185 -3.74 5.56 -14.50
CA GLN A 185 -2.95 4.99 -13.37
C GLN A 185 -3.90 4.15 -12.52
N GLU A 186 -3.38 3.52 -11.49
CA GLU A 186 -4.20 2.70 -10.62
C GLU A 186 -3.72 2.86 -9.17
N ASN A 187 -4.65 3.07 -8.26
CA ASN A 187 -4.41 3.42 -6.87
C ASN A 187 -5.76 3.34 -6.17
N PRO A 188 -5.78 3.22 -4.86
CA PRO A 188 -7.05 3.33 -4.14
C PRO A 188 -7.69 4.72 -4.32
N LEU A 189 -8.98 4.79 -4.10
CA LEU A 189 -9.73 6.04 -4.18
C LEU A 189 -9.09 7.14 -3.35
N ALA A 190 -8.66 6.82 -2.14
CA ALA A 190 -8.12 7.83 -1.27
C ALA A 190 -6.88 8.49 -1.86
N ALA A 191 -6.05 7.72 -2.56
CA ALA A 191 -4.86 8.29 -3.21
C ALA A 191 -5.24 9.14 -4.45
N VAL A 192 -6.25 8.72 -5.20
CA VAL A 192 -6.78 9.55 -6.29
C VAL A 192 -7.20 10.94 -5.75
N GLN A 193 -7.84 10.95 -4.59
CA GLN A 193 -8.18 12.18 -3.91
C GLN A 193 -6.93 12.91 -3.41
N ALA A 194 -6.05 12.25 -2.65
CA ALA A 194 -4.93 12.90 -2.01
C ALA A 194 -4.01 13.59 -3.02
N GLN A 195 -3.74 12.91 -4.13
CA GLN A 195 -2.86 13.40 -5.16
C GLN A 195 -3.60 14.29 -6.18
N LYS A 196 -4.91 14.43 -6.05
CA LYS A 196 -5.75 15.18 -6.98
C LYS A 196 -5.65 14.66 -8.42
N PHE A 197 -5.50 13.36 -8.55
CA PHE A 197 -5.51 12.77 -9.87
C PHE A 197 -6.85 13.04 -10.59
N TYR A 198 -7.91 13.24 -9.82
CA TYR A 198 -9.21 13.57 -10.40
C TYR A 198 -9.16 14.89 -11.23
N GLU A 199 -8.18 15.74 -11.02
CA GLU A 199 -8.04 16.97 -11.82
C GLU A 199 -7.62 16.71 -13.25
N VAL A 200 -6.98 15.53 -13.40
CA VAL A 200 -6.30 15.17 -14.63
C VAL A 200 -6.72 13.83 -15.20
N GLN A 201 -7.84 13.30 -14.68
CA GLN A 201 -8.41 12.04 -15.12
C GLN A 201 -9.90 12.19 -15.07
N LYS A 202 -10.50 12.11 -16.24
N LYS A 202 -10.51 12.08 -16.24
CA LYS A 202 -11.93 12.24 -16.38
CA LYS A 202 -11.94 12.24 -16.37
C LYS A 202 -12.73 10.98 -16.04
C LYS A 202 -12.75 10.96 -16.05
N PHE A 203 -12.10 9.78 -15.90
CA PHE A 203 -12.77 8.53 -15.71
C PHE A 203 -12.16 7.71 -14.60
N LEU A 204 -13.00 6.93 -13.93
N LEU A 204 -12.99 6.94 -13.93
CA LEU A 204 -12.60 6.03 -12.79
CA LEU A 204 -12.53 6.00 -12.87
C LEU A 204 -13.36 4.73 -13.00
C LEU A 204 -13.34 4.73 -13.01
N ALA A 205 -12.64 3.59 -13.08
CA ALA A 205 -13.23 2.27 -13.25
C ALA A 205 -12.98 1.44 -12.01
N MET A 206 -14.03 0.76 -11.52
CA MET A 206 -13.94 -0.09 -10.35
C MET A 206 -13.42 -1.49 -10.67
N THR A 207 -12.10 -1.51 -10.87
CA THR A 207 -11.40 -2.71 -11.21
C THR A 207 -11.11 -3.58 -10.00
N ASN A 208 -11.09 -2.98 -8.80
CA ASN A 208 -10.99 -3.74 -7.55
C ASN A 208 -9.86 -4.76 -7.53
N HIS A 209 -8.70 -4.38 -8.10
CA HIS A 209 -7.74 -5.41 -8.55
C HIS A 209 -6.68 -5.84 -7.55
N ILE A 210 -6.22 -4.92 -6.72
CA ILE A 210 -5.19 -5.22 -5.69
C ILE A 210 -5.63 -4.55 -4.40
N LEU A 211 -5.45 -5.26 -3.30
CA LEU A 211 -5.83 -4.81 -1.99
C LEU A 211 -4.56 -4.42 -1.25
N ASN A 212 -4.46 -3.17 -0.83
CA ASN A 212 -3.28 -2.70 -0.12
C ASN A 212 -3.50 -2.67 1.38
N ASP A 213 -2.62 -3.32 2.12
CA ASP A 213 -2.46 -3.06 3.54
C ASP A 213 -1.42 -1.97 3.72
N GLN A 214 -1.06 -1.68 4.96
CA GLN A 214 -0.03 -0.69 5.26
C GLN A 214 0.57 -1.05 6.62
N LEU A 215 1.88 -1.22 6.67
CA LEU A 215 2.59 -1.62 7.87
C LEU A 215 3.33 -0.43 8.48
N TYR A 216 3.15 -0.23 9.76
CA TYR A 216 3.94 0.72 10.55
C TYR A 216 5.22 0.01 10.97
N LEU A 217 6.36 0.47 10.43
CA LEU A 217 7.66 -0.18 10.62
C LEU A 217 8.55 0.76 11.40
N VAL A 218 9.34 0.18 12.30
CA VAL A 218 10.40 0.91 12.99
C VAL A 218 11.77 0.25 12.72
N SER A 219 12.82 1.05 12.60
CA SER A 219 14.17 0.53 12.50
C SER A 219 14.48 -0.26 13.78
N ASN A 220 15.04 -1.45 13.62
CA ASN A 220 15.52 -2.17 14.79
C ASN A 220 16.57 -1.33 15.53
N GLU A 221 17.42 -0.60 14.79
N GLU A 221 17.43 -0.60 14.80
CA GLU A 221 18.49 0.15 15.46
CA GLU A 221 18.48 0.20 15.46
C GLU A 221 17.92 1.22 16.41
C GLU A 221 17.90 1.20 16.44
N THR A 222 16.75 1.76 16.08
CA THR A 222 16.06 2.69 16.96
C THR A 222 15.25 1.97 18.00
N TYR A 223 14.48 0.95 17.65
CA TYR A 223 13.60 0.33 18.64
C TYR A 223 14.42 -0.26 19.80
N LYS A 224 15.57 -0.86 19.50
CA LYS A 224 16.41 -1.42 20.54
C LYS A 224 16.97 -0.42 21.54
N GLU A 225 17.09 0.84 21.15
CA GLU A 225 17.59 1.85 22.06
C GLU A 225 16.55 2.43 23.01
N LEU A 226 15.29 2.17 22.76
CA LEU A 226 14.21 2.70 23.59
C LEU A 226 14.06 1.81 24.77
N PRO A 227 14.10 2.35 25.98
CA PRO A 227 13.73 1.52 27.10
C PRO A 227 12.38 0.86 26.90
N GLU A 228 12.16 -0.25 27.55
CA GLU A 228 11.00 -1.06 27.27
C GLU A 228 9.67 -0.34 27.47
N ASP A 229 9.61 0.59 28.43
CA ASP A 229 8.38 1.35 28.62
C ASP A 229 8.08 2.28 27.45
N LEU A 230 9.15 2.79 26.84
CA LEU A 230 9.01 3.64 25.65
C LEU A 230 8.76 2.79 24.38
N GLN A 231 9.30 1.59 24.31
CA GLN A 231 8.94 0.62 23.28
C GLN A 231 7.44 0.39 23.33
N LYS A 232 6.88 0.23 24.53
CA LYS A 232 5.47 -0.02 24.66
C LYS A 232 4.67 1.21 24.23
N VAL A 233 5.11 2.41 24.61
CA VAL A 233 4.45 3.62 24.14
C VAL A 233 4.35 3.62 22.60
N VAL A 234 5.45 3.27 21.96
CA VAL A 234 5.54 3.33 20.49
C VAL A 234 4.65 2.25 19.89
N LYS A 235 4.72 1.03 20.42
CA LYS A 235 3.88 -0.04 19.90
C LYS A 235 2.41 0.26 20.08
N ASP A 236 2.01 0.66 21.29
CA ASP A 236 0.61 0.93 21.53
C ASP A 236 0.12 2.08 20.64
N ALA A 237 0.93 3.10 20.45
CA ALA A 237 0.58 4.22 19.56
C ALA A 237 0.41 3.76 18.11
N ALA A 238 1.30 2.88 17.66
CA ALA A 238 1.20 2.33 16.31
C ALA A 238 -0.08 1.53 16.12
N GLU A 239 -0.45 0.77 17.12
CA GLU A 239 -1.69 -0.02 17.04
C GLU A 239 -2.93 0.91 17.03
N ASN A 240 -2.93 1.96 17.85
CA ASN A 240 -4.03 2.88 17.89
C ASN A 240 -4.12 3.62 16.54
N ALA A 241 -2.98 4.04 16.00
CA ALA A 241 -2.97 4.77 14.74
C ALA A 241 -3.45 3.87 13.60
N ALA A 242 -3.05 2.61 13.61
CA ALA A 242 -3.48 1.66 12.55
C ALA A 242 -5.02 1.51 12.52
N LYS A 243 -5.66 1.46 13.67
N LYS A 243 -5.64 1.42 13.72
CA LYS A 243 -7.11 1.35 13.66
CA LYS A 243 -7.11 1.33 13.82
C LYS A 243 -7.73 2.61 13.07
C LYS A 243 -7.77 2.59 13.20
N TYR A 244 -7.22 3.77 13.42
CA TYR A 244 -7.71 5.01 12.88
C TYR A 244 -7.50 5.09 11.37
N HIS A 245 -6.32 4.67 10.95
CA HIS A 245 -5.88 4.64 9.55
C HIS A 245 -6.86 3.78 8.75
N THR A 246 -7.14 2.57 9.21
CA THR A 246 -8.10 1.70 8.54
C THR A 246 -9.45 2.37 8.43
N LYS A 247 -9.93 2.99 9.50
CA LYS A 247 -11.23 3.62 9.47
C LYS A 247 -11.30 4.75 8.45
N LEU A 248 -10.23 5.52 8.33
CA LEU A 248 -10.22 6.58 7.32
C LEU A 248 -10.45 5.97 5.94
N PHE A 249 -9.75 4.87 5.62
CA PHE A 249 -9.95 4.24 4.34
C PHE A 249 -11.33 3.62 4.14
N VAL A 250 -11.81 2.90 5.16
CA VAL A 250 -13.13 2.28 5.10
C VAL A 250 -14.19 3.37 4.83
N ASP A 251 -14.16 4.46 5.59
CA ASP A 251 -15.16 5.50 5.41
C ASP A 251 -15.05 6.17 4.06
N GLY A 252 -13.83 6.38 3.58
CA GLY A 252 -13.72 7.05 2.30
C GLY A 252 -14.17 6.18 1.16
N GLU A 253 -14.11 4.85 1.31
CA GLU A 253 -14.59 3.99 0.22
C GLU A 253 -16.10 4.10 0.06
N LYS A 254 -16.78 4.52 1.11
N LYS A 254 -16.80 4.53 1.09
CA LYS A 254 -18.20 4.84 1.07
CA LYS A 254 -18.22 4.85 0.99
C LYS A 254 -18.45 6.22 0.46
C LYS A 254 -18.40 6.23 0.37
N ASP A 255 -17.64 7.21 0.84
CA ASP A 255 -17.92 8.67 0.62
C ASP A 255 -17.28 9.23 -0.66
N LEU A 256 -16.27 8.56 -1.23
CA LEU A 256 -15.45 9.19 -2.27
C LEU A 256 -16.03 9.10 -3.66
N VAL A 257 -16.88 8.13 -3.93
CA VAL A 257 -17.50 8.11 -5.24
C VAL A 257 -18.34 9.37 -5.47
N THR A 258 -19.10 9.79 -4.48
CA THR A 258 -19.87 11.04 -4.62
C THR A 258 -18.96 12.25 -4.73
N PHE A 259 -17.84 12.24 -4.01
CA PHE A 259 -16.84 13.29 -4.14
C PHE A 259 -16.36 13.39 -5.59
N PHE A 260 -15.96 12.25 -6.20
CA PHE A 260 -15.37 12.30 -7.55
C PHE A 260 -16.43 12.71 -8.59
N GLU A 261 -17.65 12.24 -8.43
CA GLU A 261 -18.75 12.68 -9.31
C GLU A 261 -18.98 14.19 -9.27
N LYS A 262 -18.88 14.78 -8.09
CA LYS A 262 -19.03 16.22 -7.90
C LYS A 262 -17.90 16.96 -8.60
N GLN A 263 -16.72 16.31 -8.69
CA GLN A 263 -15.59 16.89 -9.40
C GLN A 263 -15.58 16.60 -10.89
N GLY A 264 -16.67 16.01 -11.39
CA GLY A 264 -16.78 15.77 -12.85
C GLY A 264 -16.24 14.44 -13.38
N VAL A 265 -15.82 13.54 -12.50
CA VAL A 265 -15.33 12.25 -12.91
C VAL A 265 -16.51 11.31 -13.22
N LYS A 266 -16.41 10.59 -14.34
CA LYS A 266 -17.35 9.55 -14.71
C LYS A 266 -16.87 8.20 -14.19
N ILE A 267 -17.74 7.48 -13.49
CA ILE A 267 -17.39 6.21 -12.84
C ILE A 267 -18.01 5.08 -13.62
N THR A 268 -17.18 4.08 -13.93
CA THR A 268 -17.61 2.90 -14.62
C THR A 268 -17.46 1.67 -13.76
N HIS A 269 -18.21 0.66 -14.15
CA HIS A 269 -18.26 -0.63 -13.47
C HIS A 269 -18.13 -1.76 -14.49
N PRO A 270 -16.93 -1.90 -15.06
CA PRO A 270 -16.72 -3.00 -16.00
C PRO A 270 -16.94 -4.35 -15.40
N ASP A 271 -17.38 -5.30 -16.21
CA ASP A 271 -17.54 -6.66 -15.76
C ASP A 271 -16.16 -7.22 -15.40
N LEU A 272 -16.02 -7.65 -14.15
CA LEU A 272 -14.72 -8.13 -13.68
C LEU A 272 -14.42 -9.57 -13.99
N VAL A 273 -15.38 -10.33 -14.47
CA VAL A 273 -15.12 -11.72 -14.82
C VAL A 273 -13.93 -11.86 -15.78
N PRO A 274 -13.90 -11.11 -16.88
CA PRO A 274 -12.71 -11.29 -17.74
C PRO A 274 -11.40 -10.73 -17.14
N PHE A 275 -11.49 -9.75 -16.25
CA PHE A 275 -10.30 -9.24 -15.57
C PHE A 275 -9.69 -10.36 -14.76
N LYS A 276 -10.54 -11.04 -14.01
CA LYS A 276 -10.12 -12.16 -13.18
C LYS A 276 -9.61 -13.34 -13.99
N GLU A 277 -10.32 -13.68 -15.07
CA GLU A 277 -9.90 -14.75 -15.97
CA GLU A 277 -9.88 -14.76 -15.92
C GLU A 277 -8.50 -14.46 -16.53
N SER A 278 -8.21 -13.18 -16.82
CA SER A 278 -6.96 -12.81 -17.49
C SER A 278 -5.76 -13.04 -16.58
N MET A 279 -5.99 -13.10 -15.27
CA MET A 279 -4.93 -13.37 -14.32
C MET A 279 -4.56 -14.81 -14.17
N LYS A 280 -5.34 -15.74 -14.70
CA LYS A 280 -5.01 -17.15 -14.50
C LYS A 280 -3.62 -17.56 -14.99
N PRO A 281 -3.21 -17.11 -16.17
CA PRO A 281 -1.85 -17.44 -16.58
C PRO A 281 -0.78 -16.76 -15.74
N TYR A 282 -1.09 -15.60 -15.16
CA TYR A 282 -0.17 -14.94 -14.22
C TYR A 282 0.02 -15.75 -12.97
N TYR A 283 -1.08 -16.29 -12.40
CA TYR A 283 -0.91 -17.11 -11.22
C TYR A 283 -0.04 -18.34 -11.53
N ALA A 284 -0.22 -18.90 -12.72
CA ALA A 284 0.59 -20.06 -13.14
C ALA A 284 2.08 -19.69 -13.24
N GLU A 285 2.36 -18.54 -13.81
CA GLU A 285 3.73 -18.02 -13.90
C GLU A 285 4.32 -17.79 -12.50
N PHE A 286 3.53 -17.19 -11.60
CA PHE A 286 3.96 -17.04 -10.21
C PHE A 286 4.38 -18.35 -9.55
N VAL A 287 3.57 -19.39 -9.75
CA VAL A 287 3.85 -20.68 -9.18
C VAL A 287 5.08 -21.29 -9.82
N LYS A 288 5.26 -21.10 -11.13
CA LYS A 288 6.46 -21.64 -11.82
C LYS A 288 7.72 -20.97 -11.28
N GLN A 289 7.68 -19.66 -11.11
CA GLN A 289 8.85 -18.88 -10.70
C GLN A 289 9.20 -19.06 -9.25
N THR A 290 8.19 -19.11 -8.38
CA THR A 290 8.40 -19.11 -6.92
C THR A 290 8.36 -20.49 -6.27
N GLY A 291 7.99 -21.49 -7.07
CA GLY A 291 8.08 -22.88 -6.64
C GLY A 291 7.18 -23.20 -5.47
N GLN A 292 7.59 -24.19 -4.67
CA GLN A 292 6.74 -24.69 -3.60
C GLN A 292 6.46 -23.64 -2.54
N LYS A 293 7.38 -22.72 -2.29
CA LYS A 293 7.10 -21.68 -1.31
C LYS A 293 5.93 -20.83 -1.77
N GLY A 294 5.87 -20.57 -3.07
CA GLY A 294 4.77 -19.81 -3.64
C GLY A 294 3.47 -20.58 -3.63
N GLU A 295 3.52 -21.85 -4.02
CA GLU A 295 2.33 -22.70 -3.97
C GLU A 295 1.80 -22.76 -2.56
N SER A 296 2.68 -22.88 -1.60
CA SER A 296 2.28 -22.99 -0.22
C SER A 296 1.65 -21.68 0.31
N ALA A 297 2.25 -20.55 0.01
CA ALA A 297 1.70 -19.25 0.43
C ALA A 297 0.31 -19.09 -0.17
N LEU A 298 0.17 -19.42 -1.46
CA LEU A 298 -1.19 -19.38 -2.11
CA LEU A 298 -1.12 -19.32 -2.10
C LEU A 298 -2.17 -20.25 -1.45
N LYS A 299 -1.81 -21.50 -1.16
CA LYS A 299 -2.70 -22.40 -0.46
C LYS A 299 -3.12 -21.86 0.89
N GLN A 300 -2.17 -21.33 1.65
CA GLN A 300 -2.46 -20.80 2.95
C GLN A 300 -3.45 -19.62 2.86
N ILE A 301 -3.24 -18.76 1.88
CA ILE A 301 -4.10 -17.58 1.74
C ILE A 301 -5.48 -17.96 1.21
N GLU A 302 -5.52 -18.86 0.23
CA GLU A 302 -6.81 -19.27 -0.36
C GLU A 302 -7.68 -19.99 0.65
N ALA A 303 -7.11 -20.52 1.73
CA ALA A 303 -7.86 -21.20 2.77
C ALA A 303 -8.60 -20.26 3.72
N ILE A 304 -8.24 -18.99 3.71
CA ILE A 304 -8.76 -18.04 4.68
C ILE A 304 -10.19 -17.62 4.29
N ASN A 305 -11.10 -17.74 5.23
CA ASN A 305 -12.43 -17.30 4.93
CA ASN A 305 -12.49 -17.28 5.18
C ASN A 305 -12.53 -15.77 5.07
N PRO A 306 -13.13 -15.18 4.02
CA PRO A 306 -13.14 -13.68 3.98
C PRO A 306 -14.22 -13.03 4.88
N HIS A 307 -15.17 -13.82 5.38
CA HIS A 307 -16.25 -13.31 6.22
C HIS A 307 -15.78 -13.20 7.65
N HIS A 308 -15.95 -12.05 8.25
CA HIS A 308 -15.60 -11.86 9.64
C HIS A 308 -16.38 -12.84 10.54
O9 NGE B . 4.21 -1.87 -3.17
C9 NGE B . 4.12 -1.09 -4.37
C8 NGE B . 3.23 0.14 -4.31
O8 NGE B . 1.89 -0.29 -4.10
C7 NGE B . 3.67 1.08 -3.18
O7 NGE B . 4.99 1.51 -3.46
C6 NGE B . 2.70 2.28 -3.08
O6 NGE B . 2.62 2.79 -4.43
C1 NGE B . 1.95 4.30 -6.05
O1A NGE B . 0.97 4.32 -6.82
O1B NGE B . 3.13 4.59 -6.38
O2 NGE B . 0.39 3.33 -4.45
C3 NGE B . 1.94 5.00 -3.60
C4 NGE B . 1.99 4.46 -2.14
O4 NGE B . 2.25 5.54 -1.29
C5 NGE B . 3.10 3.38 -2.15
N5 NGE B . 3.34 2.87 -0.77
C2 NGE B . 1.69 3.84 -4.60
C10 NGE B . 4.38 3.28 -0.08
O10 NGE B . 5.25 4.04 -0.48
C11 NGE B . 4.51 2.72 1.30
O11 NGE B . 3.57 1.70 1.61
#